data_5DMC
#
_entry.id   5DMC
#
_cell.length_a   55.510
_cell.length_b   82.650
_cell.length_c   58.580
_cell.angle_alpha   90.000
_cell.angle_beta   111.050
_cell.angle_gamma   90.000
#
_symmetry.space_group_name_H-M   'P 1 21 1'
#
loop_
_entity.id
_entity.type
_entity.pdbx_description
1 polymer 'Estrogen receptor'
2 polymer 'Nuclear receptor coactivator 2'
3 non-polymer 3,3-bis(4-hydroxyphenyl)-2-phenylprop-2-enenitrile
4 water water
#
loop_
_entity_poly.entity_id
_entity_poly.type
_entity_poly.pdbx_seq_one_letter_code
_entity_poly.pdbx_strand_id
1 'polypeptide(L)'
;IKRSKKNSLALSLTADQMVSALLDAEPPILYSEYDPTRPFSEASMMGLLTNLADRELVHMINWAKRVPGFVDLTLHDQVH
LLECAWLEILMIGLVWRSMEHPGKLLFAPNLLLDRNQGKCVEGMVEIFDMLLATSSRFRMMNLQGEEFVCLKSIILLNSG
VYTFLSSTLKSLEEKDHIHRVLDKITDTLIHLMAKAGLTLQQQHQRLAQLLLILSHIRHMSNKGMEHLYSMKCKNVVPLS
DLLLEMLDAHRLHAPTS
;
A,B
2 'polypeptide(L)' KHKILHRLLQDSSS C,D
#
loop_
_chem_comp.id
_chem_comp.type
_chem_comp.name
_chem_comp.formula
5DH non-polymer 3,3-bis(4-hydroxyphenyl)-2-phenylprop-2-enenitrile 'C21 H15 N O2'
#
# COMPACT_ATOMS: atom_id res chain seq x y z
N SER A 8 -14.81 22.38 -4.83
CA SER A 8 -14.00 23.59 -4.73
C SER A 8 -13.98 24.14 -3.32
N LEU A 9 -15.12 24.05 -2.64
CA LEU A 9 -15.28 24.59 -1.29
C LEU A 9 -14.32 23.94 -0.31
N ALA A 10 -13.98 22.67 -0.56
CA ALA A 10 -13.09 21.92 0.32
C ALA A 10 -11.68 22.47 0.34
N LEU A 11 -11.25 23.02 -0.79
CA LEU A 11 -9.89 23.53 -0.94
C LEU A 11 -9.69 24.86 -0.22
N SER A 12 -10.80 25.46 0.21
CA SER A 12 -10.76 26.77 0.84
C SER A 12 -10.76 26.68 2.36
N LEU A 13 -10.93 25.48 2.89
CA LEU A 13 -10.95 25.27 4.33
C LEU A 13 -9.61 25.59 4.97
N THR A 14 -9.63 25.96 6.24
CA THR A 14 -8.41 26.03 7.01
C THR A 14 -8.09 24.63 7.51
N ALA A 15 -6.91 24.44 8.07
CA ALA A 15 -6.53 23.13 8.60
C ALA A 15 -7.44 22.76 9.77
N ASP A 16 -7.72 23.72 10.63
CA ASP A 16 -8.59 23.51 11.78
C ASP A 16 -10.03 23.21 11.34
N GLN A 17 -10.48 23.91 10.31
CA GLN A 17 -11.81 23.67 9.75
C GLN A 17 -11.87 22.31 9.07
N MET A 18 -10.74 21.89 8.51
CA MET A 18 -10.64 20.57 7.89
C MET A 18 -10.75 19.47 8.95
N VAL A 19 -10.09 19.69 10.08
CA VAL A 19 -10.11 18.73 11.18
C VAL A 19 -11.50 18.61 11.78
N SER A 20 -12.13 19.74 12.06
CA SER A 20 -13.46 19.76 12.65
C SER A 20 -14.49 19.11 11.72
N ALA A 21 -14.32 19.34 10.42
CA ALA A 21 -15.23 18.77 9.42
C ALA A 21 -15.20 17.25 9.44
N LEU A 22 -14.00 16.69 9.56
CA LEU A 22 -13.82 15.24 9.55
C LEU A 22 -14.26 14.60 10.86
N LEU A 23 -13.98 15.28 11.98
CA LEU A 23 -14.36 14.78 13.29
C LEU A 23 -15.88 14.67 13.43
N ASP A 24 -16.57 15.70 12.98
CA ASP A 24 -18.03 15.74 13.05
C ASP A 24 -18.65 14.74 12.08
N ALA A 25 -17.86 14.36 11.07
CA ALA A 25 -18.32 13.44 10.04
C ALA A 25 -18.18 11.98 10.48
N GLU A 26 -17.49 11.77 11.59
CA GLU A 26 -17.21 10.43 12.10
C GLU A 26 -18.47 9.59 12.26
N PRO A 27 -18.46 8.38 11.68
CA PRO A 27 -19.58 7.44 11.84
C PRO A 27 -19.60 6.88 13.25
N PRO A 28 -20.80 6.51 13.74
CA PRO A 28 -20.92 5.99 15.10
C PRO A 28 -20.29 4.61 15.25
N ILE A 29 -20.06 4.18 16.49
CA ILE A 29 -19.58 2.83 16.73
C ILE A 29 -20.77 1.91 16.95
N LEU A 30 -20.91 0.92 16.08
CA LEU A 30 -22.07 0.04 16.09
C LEU A 30 -21.84 -1.20 16.94
N TYR A 31 -22.94 -1.78 17.41
CA TYR A 31 -22.89 -3.04 18.14
C TYR A 31 -23.23 -4.19 17.19
N SER A 32 -22.73 -5.39 17.50
CA SER A 32 -23.08 -6.57 16.72
C SER A 32 -24.24 -7.30 17.40
N GLU A 33 -24.70 -8.37 16.78
CA GLU A 33 -25.79 -9.17 17.33
C GLU A 33 -25.32 -10.00 18.53
N TYR A 34 -24.50 -9.39 19.38
CA TYR A 34 -23.87 -10.01 20.54
C TYR A 34 -22.84 -11.06 20.13
N PHE A 40 -17.70 -18.79 19.88
CA PHE A 40 -18.06 -18.62 18.47
C PHE A 40 -17.54 -19.78 17.64
N SER A 41 -18.42 -20.42 16.89
CA SER A 41 -18.02 -21.43 15.92
C SER A 41 -17.82 -20.76 14.57
N GLU A 42 -17.35 -21.54 13.58
CA GLU A 42 -17.21 -21.04 12.23
C GLU A 42 -18.60 -20.74 11.65
N ALA A 43 -18.65 -19.82 10.69
CA ALA A 43 -19.87 -19.37 10.01
C ALA A 43 -20.73 -18.46 10.91
N SER A 44 -20.67 -18.69 12.21
CA SER A 44 -21.37 -17.82 13.15
C SER A 44 -20.60 -16.52 13.32
N MET A 45 -19.28 -16.63 13.48
CA MET A 45 -18.41 -15.47 13.58
C MET A 45 -18.42 -14.67 12.29
N MET A 46 -18.44 -15.38 11.16
CA MET A 46 -18.48 -14.73 9.85
C MET A 46 -19.80 -14.05 9.61
N GLY A 47 -20.87 -14.63 10.14
CA GLY A 47 -22.18 -14.01 10.04
C GLY A 47 -22.23 -12.71 10.79
N LEU A 48 -21.67 -12.72 12.00
CA LEU A 48 -21.63 -11.53 12.85
C LEU A 48 -20.83 -10.41 12.20
N LEU A 49 -19.66 -10.75 11.66
CA LEU A 49 -18.81 -9.76 11.01
C LEU A 49 -19.45 -9.23 9.72
N THR A 50 -20.14 -10.12 9.00
CA THR A 50 -20.83 -9.73 7.77
C THR A 50 -22.00 -8.80 8.09
N ASN A 51 -22.77 -9.17 9.10
CA ASN A 51 -23.88 -8.34 9.56
C ASN A 51 -23.40 -6.97 10.02
N LEU A 52 -22.31 -6.95 10.78
CA LEU A 52 -21.74 -5.72 11.30
C LEU A 52 -21.20 -4.83 10.17
N ALA A 53 -20.50 -5.44 9.22
CA ALA A 53 -19.91 -4.70 8.12
C ALA A 53 -20.99 -4.15 7.19
N ASP A 54 -22.08 -4.89 7.05
CA ASP A 54 -23.21 -4.46 6.21
C ASP A 54 -23.83 -3.18 6.74
N ARG A 55 -24.03 -3.11 8.05
CA ARG A 55 -24.63 -1.94 8.68
C ARG A 55 -23.65 -0.77 8.72
N GLU A 56 -22.37 -1.09 8.91
CA GLU A 56 -21.32 -0.07 8.92
C GLU A 56 -21.19 0.64 7.57
N LEU A 57 -21.43 -0.13 6.50
CA LEU A 57 -21.32 0.41 5.14
C LEU A 57 -22.27 1.58 4.91
N VAL A 58 -23.48 1.46 5.44
CA VAL A 58 -24.49 2.50 5.28
C VAL A 58 -24.02 3.81 5.92
N HIS A 59 -23.33 3.69 7.05
CA HIS A 59 -22.79 4.86 7.74
C HIS A 59 -21.56 5.41 7.02
N MET A 60 -20.73 4.51 6.49
CA MET A 60 -19.53 4.91 5.75
C MET A 60 -19.87 5.74 4.52
N ILE A 61 -20.89 5.29 3.80
CA ILE A 61 -21.35 5.97 2.59
C ILE A 61 -21.76 7.41 2.89
N ASN A 62 -22.50 7.60 3.96
CA ASN A 62 -22.90 8.94 4.39
C ASN A 62 -21.71 9.72 4.94
N TRP A 63 -20.81 9.02 5.64
CA TRP A 63 -19.57 9.64 6.12
C TRP A 63 -18.74 10.14 4.94
N ALA A 64 -18.67 9.32 3.90
CA ALA A 64 -17.90 9.67 2.70
C ALA A 64 -18.42 10.95 2.07
N LYS A 65 -19.73 11.14 2.11
CA LYS A 65 -20.34 12.34 1.54
C LYS A 65 -20.02 13.59 2.37
N ARG A 66 -19.49 13.38 3.57
CA ARG A 66 -19.13 14.48 4.45
C ARG A 66 -17.65 14.81 4.36
N VAL A 67 -16.88 13.94 3.70
CA VAL A 67 -15.47 14.18 3.48
C VAL A 67 -15.30 15.29 2.44
N PRO A 68 -14.68 16.41 2.86
CA PRO A 68 -14.50 17.58 2.00
C PRO A 68 -13.84 17.24 0.67
N GLY A 69 -14.57 17.48 -0.41
CA GLY A 69 -14.07 17.19 -1.75
C GLY A 69 -14.77 16.02 -2.42
N PHE A 70 -15.19 15.05 -1.61
CA PHE A 70 -15.79 13.83 -2.12
C PHE A 70 -17.10 14.10 -2.86
N VAL A 71 -17.87 15.06 -2.38
CA VAL A 71 -19.16 15.40 -2.98
C VAL A 71 -18.96 16.05 -4.36
N ASP A 72 -17.81 16.69 -4.55
CA ASP A 72 -17.51 17.38 -5.81
C ASP A 72 -17.21 16.41 -6.95
N LEU A 73 -17.18 15.12 -6.64
CA LEU A 73 -16.87 14.10 -7.64
C LEU A 73 -18.13 13.60 -8.36
N THR A 74 -17.94 13.07 -9.56
CA THR A 74 -18.99 12.40 -10.30
C THR A 74 -19.50 11.21 -9.48
N LEU A 75 -20.79 10.90 -9.61
CA LEU A 75 -21.38 9.79 -8.87
C LEU A 75 -20.66 8.47 -9.16
N HIS A 76 -20.31 8.26 -10.43
CA HIS A 76 -19.58 7.08 -10.84
C HIS A 76 -18.18 7.07 -10.20
N ASP A 77 -17.61 8.24 -9.99
CA ASP A 77 -16.32 8.36 -9.32
C ASP A 77 -16.44 8.09 -7.83
N GLN A 78 -17.54 8.54 -7.23
CA GLN A 78 -17.81 8.28 -5.83
C GLN A 78 -17.99 6.79 -5.59
N VAL A 79 -18.74 6.15 -6.49
CA VAL A 79 -18.97 4.71 -6.45
C VAL A 79 -17.65 3.95 -6.51
N HIS A 80 -16.79 4.34 -7.44
CA HIS A 80 -15.53 3.65 -7.66
C HIS A 80 -14.58 3.74 -6.46
N LEU A 81 -14.47 4.93 -5.89
CA LEU A 81 -13.59 5.15 -4.74
C LEU A 81 -14.04 4.30 -3.54
N LEU A 82 -15.35 4.26 -3.31
CA LEU A 82 -15.90 3.48 -2.20
C LEU A 82 -15.76 1.98 -2.45
N GLU A 83 -16.02 1.55 -3.69
CA GLU A 83 -15.86 0.15 -4.06
C GLU A 83 -14.42 -0.30 -3.86
N CYS A 84 -13.49 0.63 -4.02
CA CYS A 84 -12.07 0.36 -3.87
C CYS A 84 -11.62 0.28 -2.42
N ALA A 85 -12.09 1.21 -1.60
CA ALA A 85 -11.52 1.40 -0.27
C ALA A 85 -12.42 0.98 0.89
N TRP A 86 -13.59 0.41 0.60
CA TRP A 86 -14.56 0.13 1.65
C TRP A 86 -14.03 -0.79 2.75
N LEU A 87 -13.28 -1.82 2.37
CA LEU A 87 -12.74 -2.76 3.35
C LEU A 87 -11.55 -2.15 4.08
N GLU A 88 -10.76 -1.36 3.36
CA GLU A 88 -9.66 -0.63 3.97
C GLU A 88 -10.16 0.29 5.08
N ILE A 89 -11.21 1.05 4.77
CA ILE A 89 -11.79 1.99 5.72
C ILE A 89 -12.38 1.26 6.93
N LEU A 90 -12.98 0.10 6.70
CA LEU A 90 -13.50 -0.72 7.78
C LEU A 90 -12.38 -1.21 8.70
N MET A 91 -11.27 -1.62 8.10
CA MET A 91 -10.16 -2.19 8.84
C MET A 91 -9.41 -1.15 9.65
N ILE A 92 -9.17 0.02 9.08
CA ILE A 92 -8.48 1.08 9.80
C ILE A 92 -9.37 1.61 10.92
N GLY A 93 -10.69 1.44 10.76
CA GLY A 93 -11.63 1.79 11.80
C GLY A 93 -11.54 0.79 12.93
N LEU A 94 -11.49 -0.49 12.57
CA LEU A 94 -11.35 -1.57 13.53
C LEU A 94 -10.05 -1.45 14.31
N VAL A 95 -8.96 -1.22 13.60
CA VAL A 95 -7.64 -1.07 14.20
C VAL A 95 -7.60 0.13 15.15
N TRP A 96 -8.25 1.22 14.74
CA TRP A 96 -8.28 2.45 15.54
C TRP A 96 -8.95 2.24 16.90
N ARG A 97 -10.14 1.65 16.88
CA ARG A 97 -10.88 1.45 18.12
C ARG A 97 -10.38 0.22 18.89
N SER A 98 -9.40 -0.47 18.32
CA SER A 98 -8.79 -1.61 18.99
C SER A 98 -7.48 -1.22 19.68
N MET A 99 -7.11 0.05 19.54
CA MET A 99 -5.85 0.55 20.08
C MET A 99 -5.68 0.32 21.57
N GLU A 100 -6.67 0.73 22.35
CA GLU A 100 -6.58 0.64 23.80
C GLU A 100 -6.91 -0.75 24.32
N HIS A 101 -6.92 -1.73 23.43
CA HIS A 101 -7.12 -3.12 23.80
C HIS A 101 -6.04 -4.00 23.17
N PRO A 102 -4.83 -3.97 23.74
CA PRO A 102 -3.67 -4.70 23.21
C PRO A 102 -3.91 -6.20 23.08
N GLY A 103 -3.60 -6.75 21.91
CA GLY A 103 -3.78 -8.17 21.66
C GLY A 103 -5.21 -8.54 21.36
N LYS A 104 -6.07 -7.52 21.27
CA LYS A 104 -7.49 -7.75 21.04
C LYS A 104 -8.02 -6.90 19.88
N LEU A 105 -9.08 -7.39 19.24
CA LEU A 105 -9.74 -6.65 18.17
C LEU A 105 -11.16 -6.27 18.55
N LEU A 106 -11.40 -4.97 18.72
CA LEU A 106 -12.71 -4.48 19.11
C LEU A 106 -13.60 -4.24 17.89
N PHE A 107 -14.23 -5.30 17.40
CA PHE A 107 -15.15 -5.21 16.27
C PHE A 107 -16.37 -4.38 16.66
N ALA A 108 -16.85 -4.62 17.87
CA ALA A 108 -17.95 -3.86 18.45
C ALA A 108 -17.71 -3.83 19.95
N PRO A 109 -18.30 -2.85 20.67
CA PRO A 109 -18.11 -2.79 22.12
C PRO A 109 -18.51 -4.09 22.82
N ASN A 110 -19.43 -4.83 22.23
CA ASN A 110 -19.84 -6.12 22.77
C ASN A 110 -19.23 -7.28 22.00
N LEU A 111 -18.19 -6.99 21.22
CA LEU A 111 -17.52 -8.02 20.43
C LEU A 111 -16.01 -7.76 20.37
N LEU A 112 -15.32 -8.19 21.42
CA LEU A 112 -13.87 -8.06 21.50
C LEU A 112 -13.22 -9.44 21.32
N LEU A 113 -12.29 -9.55 20.38
CA LEU A 113 -11.68 -10.84 20.06
C LEU A 113 -10.16 -10.81 20.06
N ASP A 114 -9.54 -11.91 20.49
CA ASP A 114 -8.11 -12.11 20.28
C ASP A 114 -7.93 -13.14 19.17
N ARG A 115 -6.68 -13.43 18.82
CA ARG A 115 -6.39 -14.30 17.68
C ARG A 115 -6.80 -15.75 17.89
N ASN A 116 -7.22 -16.08 19.11
CA ASN A 116 -7.57 -17.46 19.46
C ASN A 116 -8.86 -17.94 18.78
N GLN A 117 -9.93 -17.18 18.93
CA GLN A 117 -11.21 -17.57 18.33
C GLN A 117 -11.19 -17.38 16.81
N GLY A 118 -10.29 -16.52 16.33
CA GLY A 118 -10.16 -16.30 14.90
C GLY A 118 -9.39 -17.39 14.20
N LYS A 119 -9.26 -18.54 14.86
CA LYS A 119 -8.58 -19.69 14.27
C LYS A 119 -9.57 -20.71 13.73
N CYS A 120 -10.85 -20.51 14.02
CA CYS A 120 -11.90 -21.42 13.54
C CYS A 120 -11.98 -21.36 12.02
N VAL A 121 -11.46 -20.27 11.45
CA VAL A 121 -11.27 -20.17 10.00
C VAL A 121 -9.96 -19.47 9.70
N MET A 124 -7.67 -16.54 8.10
CA MET A 124 -8.27 -15.61 9.06
C MET A 124 -7.30 -15.27 10.18
N VAL A 125 -6.54 -16.26 10.63
CA VAL A 125 -5.54 -16.04 11.65
C VAL A 125 -4.50 -15.04 11.18
N GLU A 126 -4.13 -15.16 9.90
CA GLU A 126 -3.13 -14.30 9.29
C GLU A 126 -3.60 -12.85 9.23
N ILE A 127 -4.89 -12.66 8.96
CA ILE A 127 -5.45 -11.31 8.84
C ILE A 127 -5.58 -10.65 10.21
N PHE A 128 -5.95 -11.45 11.21
CA PHE A 128 -6.04 -10.95 12.59
C PHE A 128 -4.70 -10.45 13.09
N ASP A 129 -3.65 -11.23 12.84
CA ASP A 129 -2.30 -10.88 13.29
C ASP A 129 -1.82 -9.59 12.63
N MET A 130 -2.18 -9.39 11.38
CA MET A 130 -1.82 -8.18 10.67
C MET A 130 -2.57 -6.97 11.23
N LEU A 131 -3.85 -7.18 11.53
CA LEU A 131 -4.67 -6.13 12.14
C LEU A 131 -4.15 -5.78 13.53
N LEU A 132 -3.82 -6.80 14.31
CA LEU A 132 -3.25 -6.59 15.64
C LEU A 132 -1.89 -5.91 15.54
N ALA A 133 -1.16 -6.21 14.47
CA ALA A 133 0.14 -5.59 14.23
C ALA A 133 -0.01 -4.10 13.94
N THR A 134 -1.07 -3.76 13.22
CA THR A 134 -1.35 -2.36 12.89
C THR A 134 -1.80 -1.61 14.14
N SER A 135 -2.56 -2.28 14.99
CA SER A 135 -3.03 -1.70 16.24
C SER A 135 -1.85 -1.41 17.16
N SER A 136 -0.92 -2.36 17.23
CA SER A 136 0.29 -2.19 18.01
C SER A 136 1.12 -1.03 17.47
N ARG A 137 1.11 -0.87 16.15
CA ARG A 137 1.85 0.19 15.50
C ARG A 137 1.23 1.55 15.79
N PHE A 138 -0.10 1.61 15.83
CA PHE A 138 -0.79 2.84 16.18
C PHE A 138 -0.54 3.21 17.65
N ARG A 139 -0.56 2.19 18.49
CA ARG A 139 -0.35 2.37 19.93
C ARG A 139 1.05 2.91 20.20
N MET A 140 2.03 2.30 19.53
CA MET A 140 3.43 2.72 19.66
C MET A 140 3.62 4.14 19.13
N MET A 141 2.96 4.45 18.02
CA MET A 141 3.06 5.78 17.43
C MET A 141 2.25 6.82 18.21
N ASN A 142 1.40 6.34 19.11
CA ASN A 142 0.47 7.20 19.85
C ASN A 142 -0.39 8.00 18.89
N LEU A 143 -1.07 7.30 17.98
CA LEU A 143 -1.90 7.93 16.96
C LEU A 143 -3.06 8.71 17.55
N GLN A 144 -3.20 9.97 17.13
CA GLN A 144 -4.28 10.82 17.62
C GLN A 144 -5.50 10.72 16.70
N GLY A 145 -6.67 11.03 17.26
CA GLY A 145 -7.92 10.97 16.52
C GLY A 145 -7.93 11.89 15.31
N GLU A 146 -7.36 13.07 15.47
CA GLU A 146 -7.26 14.04 14.38
C GLU A 146 -6.43 13.47 13.23
N GLU A 147 -5.39 12.71 13.57
CA GLU A 147 -4.55 12.08 12.58
C GLU A 147 -5.28 10.92 11.91
N PHE A 148 -6.05 10.17 12.71
CA PHE A 148 -6.77 9.00 12.22
C PHE A 148 -7.81 9.36 11.16
N VAL A 149 -8.60 10.40 11.42
CA VAL A 149 -9.65 10.80 10.50
C VAL A 149 -9.07 11.36 9.20
N CYS A 150 -7.83 11.83 9.26
CA CYS A 150 -7.14 12.30 8.08
C CYS A 150 -6.64 11.12 7.25
N LEU A 151 -6.10 10.11 7.93
CA LEU A 151 -5.64 8.90 7.27
C LEU A 151 -6.79 8.19 6.55
N LYS A 152 -7.93 8.14 7.22
CA LYS A 152 -9.10 7.44 6.69
C LYS A 152 -9.62 8.11 5.42
N SER A 153 -9.70 9.43 5.44
CA SER A 153 -10.19 10.18 4.28
C SER A 153 -9.19 10.12 3.13
N ILE A 154 -7.90 10.02 3.46
CA ILE A 154 -6.86 9.84 2.46
C ILE A 154 -7.07 8.51 1.72
N ILE A 155 -7.33 7.46 2.49
CA ILE A 155 -7.61 6.14 1.94
C ILE A 155 -8.77 6.19 0.94
N LEU A 156 -9.84 6.87 1.32
CA LEU A 156 -11.02 7.01 0.47
C LEU A 156 -10.69 7.66 -0.87
N LEU A 157 -9.79 8.65 -0.83
CA LEU A 157 -9.48 9.45 -2.02
C LEU A 157 -8.32 8.89 -2.83
N ASN A 158 -7.44 8.12 -2.19
CA ASN A 158 -6.24 7.65 -2.85
C ASN A 158 -6.36 6.26 -3.45
N SER A 159 -7.03 5.35 -2.75
CA SER A 159 -7.01 3.93 -3.09
C SER A 159 -7.52 3.59 -4.50
N GLY A 160 -8.39 4.42 -5.06
CA GLY A 160 -8.95 4.14 -6.37
C GLY A 160 -8.69 5.22 -7.39
N VAL A 161 -7.73 6.10 -7.10
CA VAL A 161 -7.50 7.30 -7.90
C VAL A 161 -6.76 7.00 -9.23
N TYR A 162 -6.30 5.77 -9.40
CA TYR A 162 -5.56 5.42 -10.61
C TYR A 162 -6.31 4.42 -11.50
N THR A 163 -7.30 3.76 -10.92
CA THR A 163 -8.08 2.77 -11.64
C THR A 163 -9.25 3.41 -12.39
N LYS A 175 -8.99 13.67 -12.11
CA LYS A 175 -8.22 13.12 -10.99
C LYS A 175 -7.35 14.18 -10.35
N ASP A 176 -7.18 15.30 -11.04
CA ASP A 176 -6.36 16.40 -10.54
CA ASP A 176 -6.36 16.40 -10.54
C ASP A 176 -6.96 17.01 -9.28
N HIS A 177 -8.29 17.11 -9.25
CA HIS A 177 -8.99 17.65 -8.09
C HIS A 177 -8.74 16.83 -6.84
N ILE A 178 -8.82 15.51 -6.98
CA ILE A 178 -8.57 14.59 -5.88
C ILE A 178 -7.16 14.80 -5.33
N HIS A 179 -6.20 15.04 -6.22
CA HIS A 179 -4.83 15.28 -5.82
C HIS A 179 -4.68 16.62 -5.08
N ARG A 180 -5.48 17.60 -5.47
CA ARG A 180 -5.50 18.88 -4.77
C ARG A 180 -6.01 18.71 -3.34
N VAL A 181 -7.00 17.83 -3.18
CA VAL A 181 -7.58 17.56 -1.88
C VAL A 181 -6.62 16.73 -1.01
N LEU A 182 -5.93 15.79 -1.63
CA LEU A 182 -4.94 14.98 -0.93
C LEU A 182 -3.83 15.86 -0.36
N ASP A 183 -3.37 16.81 -1.16
CA ASP A 183 -2.38 17.78 -0.71
C ASP A 183 -2.91 18.59 0.47
N LYS A 184 -4.20 18.88 0.42
CA LYS A 184 -4.86 19.65 1.48
C LYS A 184 -4.83 18.90 2.81
N ILE A 185 -5.07 17.59 2.74
CA ILE A 185 -5.07 16.75 3.93
C ILE A 185 -3.65 16.58 4.47
N THR A 186 -2.67 16.58 3.57
CA THR A 186 -1.27 16.55 3.97
C THR A 186 -0.93 17.79 4.79
N ASP A 187 -1.34 18.95 4.29
CA ASP A 187 -1.16 20.20 5.00
C ASP A 187 -1.82 20.15 6.38
N THR A 188 -2.97 19.48 6.43
CA THR A 188 -3.71 19.33 7.67
C THR A 188 -2.93 18.48 8.67
N LEU A 189 -2.40 17.35 8.19
CA LEU A 189 -1.59 16.46 9.02
C LEU A 189 -0.39 17.19 9.61
N ILE A 190 0.34 17.91 8.76
CA ILE A 190 1.49 18.69 9.19
C ILE A 190 1.09 19.74 10.23
N HIS A 191 -0.03 20.41 9.96
CA HIS A 191 -0.58 21.40 10.88
C HIS A 191 -0.81 20.82 12.26
N LEU A 192 -1.36 19.60 12.30
CA LEU A 192 -1.61 18.90 13.55
C LEU A 192 -0.31 18.60 14.29
N MET A 193 0.71 18.21 13.54
CA MET A 193 1.99 17.80 14.13
C MET A 193 2.80 18.99 14.65
N ALA A 194 2.76 20.09 13.91
CA ALA A 194 3.44 21.31 14.33
C ALA A 194 2.77 21.87 15.58
N LYS A 195 1.50 21.52 15.76
CA LYS A 195 0.71 21.94 16.90
C LYS A 195 1.12 21.20 18.16
N ALA A 196 1.46 19.92 18.01
CA ALA A 196 1.82 19.07 19.14
C ALA A 196 3.27 19.28 19.58
N GLY A 197 3.98 20.17 18.89
CA GLY A 197 5.33 20.54 19.28
C GLY A 197 6.42 19.74 18.60
N LEU A 198 6.07 19.04 17.52
CA LEU A 198 7.06 18.27 16.77
C LEU A 198 7.97 19.18 15.96
N THR A 199 9.27 18.90 16.00
CA THR A 199 10.23 19.64 15.18
C THR A 199 9.99 19.29 13.71
N LEU A 200 10.50 20.14 12.82
CA LEU A 200 10.29 19.96 11.38
C LEU A 200 10.73 18.59 10.90
N GLN A 201 11.83 18.08 11.45
CA GLN A 201 12.32 16.75 11.09
C GLN A 201 11.32 15.68 11.54
N GLN A 202 10.85 15.80 12.78
CA GLN A 202 9.87 14.86 13.32
C GLN A 202 8.55 14.94 12.57
N GLN A 203 8.33 16.07 11.90
CA GLN A 203 7.10 16.27 11.14
C GLN A 203 7.09 15.44 9.86
N HIS A 204 8.18 15.48 9.09
CA HIS A 204 8.29 14.71 7.84
CA HIS A 204 8.17 14.71 7.85
C HIS A 204 8.38 13.23 8.14
N GLN A 205 9.01 12.90 9.27
CA GLN A 205 9.22 11.52 9.66
C GLN A 205 7.91 10.86 10.06
N ARG A 206 7.15 11.51 10.94
CA ARG A 206 5.87 10.98 11.38
C ARG A 206 4.87 10.92 10.23
N LEU A 207 4.96 11.90 9.33
CA LEU A 207 4.13 11.90 8.13
C LEU A 207 4.40 10.65 7.31
N ALA A 208 5.68 10.35 7.11
CA ALA A 208 6.10 9.18 6.35
C ALA A 208 5.64 7.89 7.01
N GLN A 209 5.85 7.81 8.32
CA GLN A 209 5.46 6.63 9.09
C GLN A 209 3.97 6.33 8.95
N LEU A 210 3.15 7.38 9.02
CA LEU A 210 1.70 7.22 8.92
C LEU A 210 1.26 6.71 7.56
N LEU A 211 1.82 7.29 6.50
CA LEU A 211 1.43 6.95 5.14
C LEU A 211 1.95 5.57 4.71
N LEU A 212 3.01 5.11 5.37
CA LEU A 212 3.58 3.80 5.05
C LEU A 212 2.74 2.67 5.63
N ILE A 213 1.99 2.97 6.69
CA ILE A 213 1.07 1.99 7.26
C ILE A 213 -0.08 1.71 6.29
N LEU A 214 -0.38 2.71 5.47
CA LEU A 214 -1.46 2.60 4.49
C LEU A 214 -1.18 1.52 3.44
N SER A 215 0.09 1.21 3.22
CA SER A 215 0.46 0.14 2.30
C SER A 215 0.04 -1.21 2.86
N HIS A 216 0.18 -1.36 4.17
CA HIS A 216 -0.16 -2.62 4.82
CA HIS A 216 -0.15 -2.59 4.89
C HIS A 216 -1.67 -2.75 5.04
N ILE A 217 -2.34 -1.62 5.21
CA ILE A 217 -3.80 -1.61 5.31
C ILE A 217 -4.37 -2.01 3.95
N ARG A 218 -3.72 -1.57 2.89
CA ARG A 218 -4.06 -1.99 1.54
C ARG A 218 -3.84 -3.50 1.39
N HIS A 219 -2.72 -3.98 1.94
CA HIS A 219 -2.36 -5.38 1.85
C HIS A 219 -3.35 -6.26 2.60
N MET A 220 -3.82 -5.78 3.74
CA MET A 220 -4.80 -6.51 4.54
C MET A 220 -6.14 -6.59 3.84
N SER A 221 -6.53 -5.48 3.20
CA SER A 221 -7.77 -5.42 2.45
C SER A 221 -7.78 -6.42 1.30
N ASN A 222 -6.69 -6.44 0.53
CA ASN A 222 -6.54 -7.36 -0.58
C ASN A 222 -6.61 -8.82 -0.14
N LYS A 223 -5.96 -9.12 0.99
CA LYS A 223 -5.98 -10.47 1.53
C LYS A 223 -7.37 -10.83 2.03
N GLY A 224 -8.03 -9.87 2.67
CA GLY A 224 -9.37 -10.08 3.17
C GLY A 224 -10.38 -10.18 2.04
N MET A 225 -10.09 -9.51 0.93
CA MET A 225 -10.99 -9.49 -0.21
C MET A 225 -11.05 -10.85 -0.90
N GLU A 226 -9.89 -11.46 -1.11
CA GLU A 226 -9.84 -12.76 -1.77
C GLU A 226 -10.37 -13.87 -0.86
N HIS A 227 -10.35 -13.62 0.45
CA HIS A 227 -10.95 -14.56 1.40
C HIS A 227 -12.47 -14.51 1.29
N LEU A 228 -13.01 -13.30 1.17
CA LEU A 228 -14.44 -13.11 1.01
C LEU A 228 -14.91 -13.65 -0.35
N TYR A 229 -14.04 -13.57 -1.34
CA TYR A 229 -14.34 -14.07 -2.67
C TYR A 229 -14.45 -15.60 -2.65
N SER A 230 -13.53 -16.25 -1.96
CA SER A 230 -13.55 -17.70 -1.82
C SER A 230 -14.71 -18.13 -0.92
N MET A 231 -15.13 -17.22 -0.05
CA MET A 231 -16.22 -17.49 0.89
C MET A 231 -17.58 -17.31 0.22
N LYS A 232 -17.65 -16.38 -0.72
CA LYS A 232 -18.90 -16.11 -1.44
C LYS A 232 -19.33 -17.31 -2.27
N CYS A 233 -18.41 -17.87 -3.04
CA CYS A 233 -18.71 -19.05 -3.85
C CYS A 233 -18.39 -20.34 -3.10
N LYS A 234 -18.61 -20.31 -1.78
CA LYS A 234 -18.51 -21.50 -0.94
C LYS A 234 -19.74 -21.58 -0.06
N ASN A 235 -20.44 -20.45 0.05
CA ASN A 235 -21.70 -20.36 0.77
C ASN A 235 -21.60 -20.80 2.23
N PRO A 238 -24.18 -16.90 3.85
CA PRO A 238 -24.80 -15.80 3.10
C PRO A 238 -24.11 -14.47 3.38
N LEU A 239 -24.53 -13.42 2.68
CA LEU A 239 -24.01 -12.08 2.91
C LEU A 239 -24.93 -11.04 2.29
N SER A 240 -24.72 -9.77 2.63
CA SER A 240 -25.59 -8.69 2.19
C SER A 240 -25.55 -8.48 0.69
N ASP A 241 -26.67 -8.06 0.12
CA ASP A 241 -26.74 -7.74 -1.30
C ASP A 241 -25.92 -6.48 -1.62
N LEU A 242 -25.72 -5.63 -0.61
CA LEU A 242 -24.85 -4.47 -0.74
C LEU A 242 -23.39 -4.91 -0.73
N LEU A 243 -23.06 -5.82 0.17
CA LEU A 243 -21.71 -6.36 0.26
C LEU A 243 -21.36 -7.12 -1.01
N LEU A 244 -22.38 -7.65 -1.68
CA LEU A 244 -22.18 -8.32 -2.95
C LEU A 244 -21.88 -7.31 -4.06
N GLU A 245 -22.37 -6.09 -3.91
CA GLU A 245 -21.98 -5.02 -4.83
C GLU A 245 -20.48 -4.78 -4.71
N MET A 246 -20.04 -4.55 -3.47
CA MET A 246 -18.66 -4.21 -3.16
C MET A 246 -17.67 -5.30 -3.58
N LEU A 247 -18.12 -6.54 -3.55
CA LEU A 247 -17.29 -7.66 -4.00
C LEU A 247 -17.34 -7.81 -5.52
N ASP A 248 -18.54 -7.96 -6.07
CA ASP A 248 -18.70 -8.10 -7.53
C ASP A 248 -18.51 -6.76 -8.24
N ALA A 249 -17.42 -6.07 -7.87
CA ALA A 249 -17.01 -4.81 -8.48
C ALA A 249 -15.61 -4.50 -7.99
N HIS A 250 -14.90 -5.56 -7.60
CA HIS A 250 -13.56 -5.43 -7.03
C HIS A 250 -12.62 -6.48 -7.61
N SER B 8 23.44 -0.33 12.25
CA SER B 8 24.67 0.38 12.61
C SER B 8 25.40 0.86 11.37
N LEU B 9 26.19 1.93 11.54
CA LEU B 9 26.92 2.60 10.45
C LEU B 9 25.97 3.27 9.45
N ALA B 10 24.93 2.55 9.03
CA ALA B 10 23.93 3.09 8.12
C ALA B 10 23.17 4.26 8.73
N LEU B 11 23.12 4.30 10.05
CA LEU B 11 22.44 5.38 10.77
C LEU B 11 23.37 6.57 10.96
N SER B 12 24.52 6.53 10.31
CA SER B 12 25.52 7.59 10.44
C SER B 12 25.81 8.26 9.11
N LEU B 13 25.14 7.81 8.06
CA LEU B 13 25.31 8.37 6.73
C LEU B 13 24.66 9.74 6.60
N THR B 14 25.32 10.64 5.88
CA THR B 14 24.69 11.90 5.49
C THR B 14 23.71 11.60 4.37
N ALA B 15 22.87 12.57 4.03
CA ALA B 15 21.89 12.38 2.98
C ALA B 15 22.56 12.12 1.63
N ASP B 16 23.56 12.93 1.31
CA ASP B 16 24.29 12.79 0.06
C ASP B 16 25.01 11.44 -0.03
N GLN B 17 25.57 10.99 1.09
CA GLN B 17 26.21 9.69 1.15
C GLN B 17 25.19 8.58 1.00
N MET B 18 24.00 8.81 1.55
CA MET B 18 22.89 7.86 1.43
C MET B 18 22.47 7.71 -0.03
N VAL B 19 22.33 8.84 -0.73
CA VAL B 19 21.94 8.84 -2.13
C VAL B 19 22.98 8.14 -3.01
N SER B 20 24.25 8.49 -2.79
CA SER B 20 25.35 7.90 -3.56
C SER B 20 25.41 6.39 -3.37
N ALA B 21 25.21 5.94 -2.14
CA ALA B 21 25.22 4.52 -1.81
C ALA B 21 24.15 3.77 -2.60
N LEU B 22 22.94 4.32 -2.63
CA LEU B 22 21.84 3.70 -3.34
C LEU B 22 22.04 3.73 -4.85
N LEU B 23 22.58 4.82 -5.37
CA LEU B 23 22.80 4.97 -6.80
C LEU B 23 23.83 3.99 -7.33
N ASP B 24 24.93 3.81 -6.58
CA ASP B 24 25.97 2.89 -6.98
C ASP B 24 25.52 1.45 -6.81
N ALA B 25 24.49 1.25 -5.99
CA ALA B 25 23.97 -0.08 -5.71
C ALA B 25 22.96 -0.53 -6.77
N GLU B 26 22.59 0.40 -7.65
CA GLU B 26 21.57 0.14 -8.67
C GLU B 26 21.89 -1.08 -9.52
N PRO B 27 20.92 -1.99 -9.65
CA PRO B 27 21.08 -3.17 -10.50
C PRO B 27 21.04 -2.76 -11.97
N PRO B 28 21.69 -3.53 -12.84
CA PRO B 28 21.68 -3.22 -14.27
C PRO B 28 20.31 -3.44 -14.89
N ILE B 29 20.10 -2.89 -16.09
CA ILE B 29 18.89 -3.17 -16.85
C ILE B 29 19.15 -4.36 -17.76
N LEU B 30 18.42 -5.44 -17.52
CA LEU B 30 18.64 -6.70 -18.21
C LEU B 30 17.82 -6.80 -19.48
N TYR B 31 18.31 -7.58 -20.44
CA TYR B 31 17.55 -7.85 -21.66
C TYR B 31 16.79 -9.16 -21.51
N SER B 32 15.71 -9.31 -22.26
CA SER B 32 14.95 -10.55 -22.26
C SER B 32 15.42 -11.43 -23.40
N GLU B 33 14.99 -12.69 -23.40
CA GLU B 33 15.33 -13.62 -24.46
C GLU B 33 14.38 -13.46 -25.65
N TYR B 34 13.76 -12.29 -25.73
CA TYR B 34 12.76 -11.99 -26.74
C TYR B 34 13.33 -12.04 -28.16
N ASP B 35 12.92 -13.05 -28.91
CA ASP B 35 13.29 -13.18 -30.31
C ASP B 35 12.07 -12.92 -31.19
N PRO B 36 11.99 -11.71 -31.76
CA PRO B 36 10.86 -11.28 -32.59
C PRO B 36 10.75 -12.04 -33.92
N THR B 37 10.12 -11.41 -34.91
CA THR B 37 9.69 -12.07 -36.14
C THR B 37 8.78 -13.26 -35.81
N ARG B 38 8.14 -13.18 -34.64
CA ARG B 38 7.26 -14.22 -34.15
C ARG B 38 6.57 -13.74 -32.86
N PRO B 39 5.29 -13.39 -32.97
CA PRO B 39 4.51 -12.93 -31.80
C PRO B 39 4.32 -14.03 -30.76
N SER B 41 2.19 -14.42 -28.43
CA SER B 41 1.06 -15.10 -27.80
C SER B 41 1.18 -15.08 -26.29
N GLU B 42 0.16 -15.58 -25.61
CA GLU B 42 0.22 -15.76 -24.17
C GLU B 42 1.18 -16.91 -23.86
N ALA B 43 1.45 -17.12 -22.58
CA ALA B 43 2.40 -18.14 -22.11
C ALA B 43 3.83 -17.87 -22.58
N SER B 44 4.00 -17.60 -23.88
CA SER B 44 5.30 -17.21 -24.41
C SER B 44 5.74 -15.88 -23.80
N MET B 45 4.82 -14.92 -23.75
CA MET B 45 5.10 -13.63 -23.13
C MET B 45 5.34 -13.80 -21.64
N MET B 46 4.50 -14.60 -20.99
CA MET B 46 4.66 -14.88 -19.56
C MET B 46 5.96 -15.61 -19.28
N GLY B 47 6.37 -16.45 -20.23
CA GLY B 47 7.64 -17.15 -20.13
C GLY B 47 8.81 -16.18 -20.17
N LEU B 48 8.72 -15.18 -21.04
CA LEU B 48 9.75 -14.16 -21.14
C LEU B 48 9.82 -13.33 -19.86
N LEU B 49 8.65 -12.97 -19.34
CA LEU B 49 8.56 -12.19 -18.12
C LEU B 49 9.06 -12.98 -16.91
N THR B 50 8.84 -14.29 -16.93
CA THR B 50 9.31 -15.17 -15.88
C THR B 50 10.83 -15.32 -15.97
N ASN B 51 11.32 -15.59 -17.17
CA ASN B 51 12.76 -15.68 -17.43
C ASN B 51 13.48 -14.41 -17.01
N LEU B 52 12.88 -13.26 -17.33
CA LEU B 52 13.44 -11.97 -16.98
C LEU B 52 13.46 -11.75 -15.48
N ALA B 53 12.31 -11.94 -14.84
CA ALA B 53 12.17 -11.75 -13.39
C ALA B 53 13.11 -12.67 -12.62
N ASP B 54 13.33 -13.87 -13.16
CA ASP B 54 14.23 -14.84 -12.54
C ASP B 54 15.65 -14.31 -12.44
N ARG B 55 16.13 -13.69 -13.52
CA ARG B 55 17.50 -13.17 -13.56
C ARG B 55 17.61 -11.85 -12.80
N GLU B 56 16.53 -11.08 -12.77
CA GLU B 56 16.51 -9.82 -12.02
C GLU B 56 16.60 -10.07 -10.52
N LEU B 57 15.97 -11.15 -10.07
CA LEU B 57 15.93 -11.50 -8.66
C LEU B 57 17.33 -11.65 -8.08
N VAL B 58 18.23 -12.24 -8.86
CA VAL B 58 19.60 -12.45 -8.42
C VAL B 58 20.31 -11.11 -8.18
N HIS B 59 20.03 -10.16 -9.07
CA HIS B 59 20.60 -8.82 -8.95
C HIS B 59 19.95 -8.04 -7.80
N MET B 60 18.66 -8.29 -7.59
CA MET B 60 17.93 -7.61 -6.53
C MET B 60 18.46 -8.02 -5.15
N ILE B 61 18.76 -9.31 -5.01
CA ILE B 61 19.29 -9.84 -3.76
C ILE B 61 20.64 -9.20 -3.44
N ASN B 62 21.50 -9.08 -4.44
CA ASN B 62 22.79 -8.43 -4.26
C ASN B 62 22.64 -6.93 -4.11
N TRP B 63 21.60 -6.36 -4.72
CA TRP B 63 21.29 -4.95 -4.53
C TRP B 63 20.81 -4.70 -3.12
N ALA B 64 19.96 -5.59 -2.62
CA ALA B 64 19.36 -5.46 -1.29
C ALA B 64 20.42 -5.41 -0.21
N LYS B 65 21.52 -6.13 -0.42
CA LYS B 65 22.61 -6.18 0.56
C LYS B 65 23.34 -4.85 0.64
N ARG B 66 23.34 -4.09 -0.45
CA ARG B 66 24.01 -2.80 -0.50
C ARG B 66 23.14 -1.69 0.06
N VAL B 67 21.87 -2.01 0.30
CA VAL B 67 20.94 -1.05 0.90
C VAL B 67 21.31 -0.83 2.37
N PRO B 68 21.67 0.41 2.72
CA PRO B 68 22.12 0.77 4.08
C PRO B 68 21.15 0.30 5.16
N GLY B 69 21.64 -0.56 6.05
CA GLY B 69 20.85 -1.08 7.14
C GLY B 69 20.41 -2.52 6.97
N PHE B 70 20.19 -2.91 5.72
CA PHE B 70 19.68 -4.25 5.40
C PHE B 70 20.62 -5.35 5.88
N VAL B 71 21.92 -5.12 5.72
CA VAL B 71 22.92 -6.11 6.12
C VAL B 71 22.93 -6.33 7.63
N ASP B 72 22.52 -5.32 8.39
CA ASP B 72 22.50 -5.38 9.84
C ASP B 72 21.41 -6.30 10.38
N LEU B 73 20.51 -6.74 9.49
CA LEU B 73 19.37 -7.55 9.91
C LEU B 73 19.71 -9.04 9.93
N THR B 74 18.89 -9.81 10.65
CA THR B 74 19.02 -11.26 10.71
C THR B 74 18.83 -11.86 9.33
N LEU B 75 19.50 -12.98 9.06
CA LEU B 75 19.35 -13.70 7.80
C LEU B 75 17.88 -14.02 7.54
N HIS B 76 17.19 -14.47 8.58
CA HIS B 76 15.77 -14.81 8.48
C HIS B 76 14.93 -13.57 8.19
N ASP B 77 15.33 -12.43 8.75
CA ASP B 77 14.62 -11.18 8.51
C ASP B 77 14.84 -10.67 7.09
N GLN B 78 16.07 -10.84 6.59
CA GLN B 78 16.39 -10.47 5.21
C GLN B 78 15.55 -11.27 4.23
N VAL B 79 15.42 -12.57 4.51
CA VAL B 79 14.60 -13.45 3.70
C VAL B 79 13.15 -12.98 3.64
N HIS B 80 12.59 -12.65 4.80
CA HIS B 80 11.20 -12.26 4.89
C HIS B 80 10.90 -10.95 4.15
N LEU B 81 11.80 -9.97 4.29
CA LEU B 81 11.60 -8.68 3.64
C LEU B 81 11.59 -8.81 2.13
N LEU B 82 12.50 -9.61 1.59
CA LEU B 82 12.58 -9.85 0.16
C LEU B 82 11.40 -10.69 -0.33
N GLU B 83 10.98 -11.66 0.48
CA GLU B 83 9.84 -12.50 0.13
C GLU B 83 8.56 -11.69 -0.02
N CYS B 84 8.46 -10.61 0.74
CA CYS B 84 7.27 -9.77 0.74
C CYS B 84 7.29 -8.71 -0.36
N ALA B 85 8.48 -8.22 -0.69
CA ALA B 85 8.61 -7.02 -1.51
C ALA B 85 9.17 -7.24 -2.91
N TRP B 86 9.56 -8.47 -3.23
CA TRP B 86 10.30 -8.72 -4.48
C TRP B 86 9.53 -8.32 -5.73
N LEU B 87 8.22 -8.53 -5.75
CA LEU B 87 7.43 -8.16 -6.91
C LEU B 87 7.17 -6.64 -6.93
N GLU B 88 7.01 -6.06 -5.75
CA GLU B 88 6.86 -4.61 -5.62
C GLU B 88 8.08 -3.89 -6.17
N ILE B 89 9.26 -4.41 -5.84
CA ILE B 89 10.51 -3.82 -6.28
C ILE B 89 10.70 -4.02 -7.80
N LEU B 90 10.35 -5.20 -8.29
CA LEU B 90 10.39 -5.47 -9.72
C LEU B 90 9.47 -4.52 -10.49
N MET B 91 8.28 -4.29 -9.93
CA MET B 91 7.27 -3.49 -10.61
C MET B 91 7.60 -2.01 -10.60
N ILE B 92 8.13 -1.50 -9.49
CA ILE B 92 8.49 -0.09 -9.41
C ILE B 92 9.74 0.16 -10.25
N GLY B 93 10.53 -0.88 -10.46
CA GLY B 93 11.68 -0.81 -11.34
C GLY B 93 11.20 -0.76 -12.79
N LEU B 94 10.21 -1.59 -13.10
CA LEU B 94 9.58 -1.60 -14.42
C LEU B 94 8.96 -0.25 -14.73
N VAL B 95 8.17 0.25 -13.78
CA VAL B 95 7.47 1.53 -13.94
C VAL B 95 8.45 2.69 -14.13
N TRP B 96 9.55 2.66 -13.39
CA TRP B 96 10.56 3.72 -13.46
C TRP B 96 11.21 3.83 -14.84
N ARG B 97 11.67 2.71 -15.37
CA ARG B 97 12.36 2.73 -16.67
C ARG B 97 11.36 2.86 -17.82
N SER B 98 10.06 2.82 -17.50
CA SER B 98 9.02 2.96 -18.50
C SER B 98 8.50 4.40 -18.59
N MET B 99 9.10 5.29 -17.81
CA MET B 99 8.64 6.66 -17.69
C MET B 99 8.64 7.43 -19.01
N GLU B 100 9.78 7.41 -19.70
CA GLU B 100 9.93 8.16 -20.95
C GLU B 100 9.30 7.41 -22.13
N HIS B 101 8.51 6.38 -21.83
CA HIS B 101 7.78 5.65 -22.85
C HIS B 101 6.29 5.65 -22.53
N PRO B 102 5.61 6.78 -22.77
CA PRO B 102 4.18 6.94 -22.45
C PRO B 102 3.30 5.93 -23.18
N GLY B 103 2.47 5.21 -22.44
CA GLY B 103 1.58 4.22 -23.01
C GLY B 103 2.25 2.89 -23.24
N LYS B 104 3.53 2.80 -22.87
CA LYS B 104 4.29 1.57 -23.05
C LYS B 104 4.93 1.09 -21.75
N LEU B 105 5.15 -0.21 -21.66
CA LEU B 105 5.88 -0.80 -20.54
C LEU B 105 7.21 -1.37 -21.03
N LEU B 106 8.31 -0.79 -20.54
CA LEU B 106 9.65 -1.21 -20.93
C LEU B 106 10.18 -2.30 -20.00
N PHE B 107 9.75 -3.54 -20.23
CA PHE B 107 10.23 -4.67 -19.44
C PHE B 107 11.72 -4.86 -19.64
N ALA B 108 12.15 -4.71 -20.89
CA ALA B 108 13.57 -4.80 -21.24
C ALA B 108 13.80 -3.85 -22.41
N PRO B 109 15.06 -3.42 -22.61
CA PRO B 109 15.36 -2.52 -23.75
C PRO B 109 14.89 -3.08 -25.08
N ASN B 110 14.78 -4.40 -25.17
CA ASN B 110 14.31 -5.05 -26.39
C ASN B 110 12.89 -5.59 -26.25
N LEU B 111 12.23 -5.26 -25.14
CA LEU B 111 10.88 -5.72 -24.90
C LEU B 111 9.96 -4.58 -24.43
N LEU B 112 9.43 -3.83 -25.40
CA LEU B 112 8.54 -2.71 -25.11
C LEU B 112 7.11 -3.08 -25.50
N LEU B 113 6.19 -2.98 -24.55
CA LEU B 113 4.82 -3.43 -24.76
C LEU B 113 3.78 -2.39 -24.40
N ASP B 114 2.67 -2.39 -25.14
CA ASP B 114 1.50 -1.60 -24.77
C ASP B 114 0.38 -2.55 -24.31
N ARG B 115 -0.74 -1.98 -23.89
CA ARG B 115 -1.83 -2.76 -23.31
C ARG B 115 -2.43 -3.79 -24.28
N ASN B 116 -2.18 -3.60 -25.57
CA ASN B 116 -2.73 -4.49 -26.60
C ASN B 116 -2.27 -5.94 -26.48
N GLN B 117 -0.97 -6.15 -26.52
CA GLN B 117 -0.40 -7.50 -26.48
C GLN B 117 -0.69 -8.21 -25.16
N GLY B 118 -0.64 -7.46 -24.07
CA GLY B 118 -0.84 -8.01 -22.75
C GLY B 118 -2.28 -8.39 -22.43
N LYS B 119 -3.07 -8.63 -23.47
CA LYS B 119 -4.46 -9.03 -23.30
C LYS B 119 -4.63 -10.53 -23.50
N GLY B 123 -6.75 -11.72 -17.04
CA GLY B 123 -6.74 -10.62 -16.09
C GLY B 123 -5.44 -9.84 -16.14
N MET B 124 -4.61 -10.15 -17.14
CA MET B 124 -3.33 -9.47 -17.33
C MET B 124 -3.49 -7.99 -17.63
N VAL B 125 -4.57 -7.66 -18.33
CA VAL B 125 -4.83 -6.28 -18.77
C VAL B 125 -4.96 -5.32 -17.60
N GLU B 126 -5.60 -5.78 -16.52
CA GLU B 126 -5.84 -4.94 -15.36
C GLU B 126 -4.53 -4.47 -14.72
N ILE B 127 -3.56 -5.37 -14.63
CA ILE B 127 -2.27 -5.06 -14.04
C ILE B 127 -1.47 -4.14 -14.94
N PHE B 128 -1.57 -4.35 -16.26
CA PHE B 128 -0.86 -3.52 -17.23
C PHE B 128 -1.30 -2.07 -17.14
N ASP B 129 -2.61 -1.85 -17.03
CA ASP B 129 -3.16 -0.50 -16.92
C ASP B 129 -2.73 0.19 -15.63
N MET B 130 -2.71 -0.58 -14.54
CA MET B 130 -2.30 -0.04 -13.25
C MET B 130 -0.82 0.34 -13.26
N LEU B 131 -0.01 -0.46 -13.95
CA LEU B 131 1.41 -0.17 -14.11
C LEU B 131 1.60 1.07 -14.99
N LEU B 132 0.83 1.15 -16.07
CA LEU B 132 0.86 2.30 -16.96
C LEU B 132 0.44 3.57 -16.22
N ALA B 133 -0.57 3.44 -15.36
CA ALA B 133 -1.07 4.57 -14.60
C ALA B 133 -0.02 5.08 -13.61
N THR B 134 0.72 4.15 -13.02
CA THR B 134 1.79 4.50 -12.09
C THR B 134 2.92 5.20 -12.83
N SER B 135 3.21 4.74 -14.04
CA SER B 135 4.26 5.33 -14.86
C SER B 135 3.90 6.74 -15.30
N SER B 136 2.62 6.94 -15.61
CA SER B 136 2.12 8.27 -15.95
C SER B 136 2.23 9.20 -14.75
N ARG B 137 1.91 8.66 -13.57
CA ARG B 137 1.98 9.42 -12.34
C ARG B 137 3.41 9.85 -12.04
N PHE B 138 4.37 8.95 -12.25
CA PHE B 138 5.78 9.28 -12.09
C PHE B 138 6.20 10.37 -13.07
N ARG B 139 5.70 10.27 -14.30
CA ARG B 139 6.04 11.20 -15.36
C ARG B 139 5.49 12.60 -15.05
N MET B 140 4.24 12.66 -14.59
CA MET B 140 3.64 13.92 -14.19
C MET B 140 4.36 14.52 -12.99
N MET B 141 4.73 13.67 -12.04
CA MET B 141 5.47 14.10 -10.86
C MET B 141 6.90 14.47 -11.20
N ASN B 142 7.34 14.08 -12.40
CA ASN B 142 8.73 14.27 -12.82
C ASN B 142 9.68 13.66 -11.81
N LEU B 143 9.48 12.37 -11.53
CA LEU B 143 10.24 11.66 -10.52
C LEU B 143 11.73 11.64 -10.85
N GLN B 144 12.55 11.96 -9.85
CA GLN B 144 14.00 11.95 -10.02
C GLN B 144 14.59 10.61 -9.63
N GLY B 145 15.75 10.29 -10.21
CA GLY B 145 16.42 9.03 -9.93
C GLY B 145 16.83 8.89 -8.48
N GLU B 146 17.14 10.02 -7.86
CA GLU B 146 17.53 10.05 -6.45
C GLU B 146 16.32 9.74 -5.56
N GLU B 147 15.16 10.21 -5.99
CA GLU B 147 13.92 9.93 -5.27
C GLU B 147 13.52 8.47 -5.44
N PHE B 148 13.70 7.97 -6.66
CA PHE B 148 13.31 6.60 -7.00
C PHE B 148 14.04 5.55 -6.17
N VAL B 149 15.36 5.66 -6.10
CA VAL B 149 16.17 4.71 -5.35
C VAL B 149 15.82 4.75 -3.86
N CYS B 150 15.32 5.89 -3.40
CA CYS B 150 14.84 6.03 -2.04
C CYS B 150 13.56 5.24 -1.84
N LEU B 151 12.61 5.45 -2.75
CA LEU B 151 11.31 4.77 -2.70
C LEU B 151 11.48 3.25 -2.73
N LYS B 152 12.37 2.79 -3.61
CA LYS B 152 12.59 1.36 -3.80
C LYS B 152 13.16 0.71 -2.54
N SER B 153 14.11 1.38 -1.90
CA SER B 153 14.72 0.87 -0.68
C SER B 153 13.76 0.99 0.50
N ILE B 154 12.80 1.90 0.39
CA ILE B 154 11.76 2.03 1.41
C ILE B 154 10.81 0.85 1.33
N ILE B 155 10.48 0.45 0.10
CA ILE B 155 9.64 -0.73 -0.13
C ILE B 155 10.26 -1.98 0.50
N LEU B 156 11.56 -2.15 0.29
CA LEU B 156 12.28 -3.30 0.81
C LEU B 156 12.19 -3.42 2.32
N LEU B 157 12.27 -2.29 3.01
CA LEU B 157 12.31 -2.28 4.46
C LEU B 157 10.93 -2.19 5.11
N ASN B 158 9.95 -1.68 4.38
CA ASN B 158 8.63 -1.42 4.93
C ASN B 158 7.60 -2.52 4.66
N SER B 159 7.70 -3.15 3.50
CA SER B 159 6.66 -4.07 3.04
C SER B 159 6.42 -5.28 3.95
N GLY B 160 7.44 -5.68 4.70
CA GLY B 160 7.32 -6.85 5.55
C GLY B 160 7.63 -6.59 7.01
N VAL B 161 7.63 -5.32 7.41
CA VAL B 161 8.02 -4.94 8.76
C VAL B 161 6.92 -5.24 9.78
N TYR B 162 5.69 -5.44 9.32
CA TYR B 162 4.58 -5.74 10.22
C TYR B 162 4.14 -7.19 10.09
N THR B 163 5.08 -8.06 9.72
CA THR B 163 4.83 -9.50 9.68
C THR B 163 6.02 -10.26 10.25
N PHE B 164 7.12 -9.54 10.45
CA PHE B 164 8.33 -10.10 11.06
C PHE B 164 9.29 -8.99 11.47
N SER B 171 10.84 -10.71 22.92
CA SER B 171 11.25 -9.40 22.40
C SER B 171 12.42 -9.52 21.43
N LEU B 172 12.14 -9.28 20.15
CA LEU B 172 13.18 -9.33 19.13
C LEU B 172 13.52 -7.93 18.64
N GLU B 173 12.49 -7.21 18.18
CA GLU B 173 12.59 -5.87 17.59
C GLU B 173 13.77 -5.02 18.08
N GLU B 174 14.83 -4.80 17.28
CA GLU B 174 15.11 -5.19 15.87
C GLU B 174 14.28 -4.46 14.80
N LYS B 175 12.96 -4.45 14.91
CA LYS B 175 12.14 -3.72 13.94
C LYS B 175 12.24 -2.23 14.21
N ASP B 176 12.81 -1.89 15.36
CA ASP B 176 13.09 -0.50 15.71
C ASP B 176 14.25 0.03 14.87
N HIS B 177 15.23 -0.83 14.62
CA HIS B 177 16.37 -0.49 13.78
C HIS B 177 15.91 -0.16 12.36
N ILE B 178 14.98 -0.96 11.85
CA ILE B 178 14.42 -0.76 10.53
C ILE B 178 13.72 0.59 10.43
N HIS B 179 12.92 0.92 11.44
CA HIS B 179 12.22 2.20 11.49
C HIS B 179 13.19 3.36 11.56
N ARG B 180 14.33 3.13 12.22
CA ARG B 180 15.37 4.16 12.32
C ARG B 180 15.98 4.45 10.96
N VAL B 181 16.14 3.40 10.16
CA VAL B 181 16.69 3.55 8.81
C VAL B 181 15.67 4.22 7.89
N LEU B 182 14.40 3.83 8.04
CA LEU B 182 13.33 4.43 7.26
C LEU B 182 13.27 5.94 7.49
N ASP B 183 13.39 6.34 8.76
CA ASP B 183 13.45 7.75 9.11
C ASP B 183 14.61 8.45 8.42
N LYS B 184 15.72 7.73 8.29
CA LYS B 184 16.91 8.26 7.63
C LYS B 184 16.66 8.49 6.14
N ILE B 185 15.92 7.57 5.52
CA ILE B 185 15.58 7.69 4.12
C ILE B 185 14.59 8.84 3.91
N THR B 186 13.68 9.00 4.86
CA THR B 186 12.73 10.10 4.83
C THR B 186 13.46 11.44 4.85
N ASP B 187 14.45 11.54 5.73
CA ASP B 187 15.28 12.73 5.81
C ASP B 187 16.03 12.94 4.50
N THR B 188 16.47 11.84 3.89
CA THR B 188 17.18 11.87 2.62
C THR B 188 16.28 12.43 1.52
N LEU B 189 15.04 11.92 1.46
CA LEU B 189 14.05 12.39 0.49
C LEU B 189 13.81 13.89 0.62
N ILE B 190 13.63 14.34 1.85
CA ILE B 190 13.39 15.75 2.13
C ILE B 190 14.61 16.59 1.74
N HIS B 191 15.80 16.08 2.04
CA HIS B 191 17.05 16.73 1.66
C HIS B 191 17.11 16.98 0.16
N LEU B 192 16.64 15.99 -0.61
CA LEU B 192 16.62 16.10 -2.06
C LEU B 192 15.65 17.17 -2.54
N MET B 193 14.51 17.27 -1.87
CA MET B 193 13.46 18.20 -2.27
C MET B 193 13.79 19.63 -1.90
N ALA B 194 14.46 19.81 -0.77
CA ALA B 194 14.92 21.14 -0.36
C ALA B 194 16.03 21.61 -1.29
N LYS B 195 16.70 20.65 -1.94
CA LYS B 195 17.78 20.93 -2.86
C LYS B 195 17.24 21.41 -4.20
N ALA B 196 16.08 20.89 -4.59
CA ALA B 196 15.48 21.22 -5.88
C ALA B 196 14.66 22.51 -5.82
N GLY B 197 14.80 23.26 -4.73
CA GLY B 197 14.16 24.55 -4.60
C GLY B 197 12.71 24.49 -4.16
N LEU B 198 12.29 23.35 -3.62
CA LEU B 198 10.92 23.21 -3.14
C LEU B 198 10.75 23.88 -1.78
N THR B 199 9.64 24.57 -1.60
CA THR B 199 9.30 25.15 -0.30
C THR B 199 8.92 24.05 0.67
N LEU B 200 8.97 24.34 1.97
CA LEU B 200 8.67 23.36 3.01
C LEU B 200 7.29 22.73 2.83
N GLN B 201 6.33 23.52 2.35
CA GLN B 201 4.99 23.01 2.07
C GLN B 201 5.04 21.99 0.93
N GLN B 202 5.76 22.32 -0.13
CA GLN B 202 5.91 21.44 -1.28
C GLN B 202 6.68 20.18 -0.95
N GLN B 203 7.61 20.29 -0.02
CA GLN B 203 8.42 19.15 0.42
C GLN B 203 7.54 18.10 1.10
N HIS B 204 6.63 18.56 1.97
CA HIS B 204 5.73 17.67 2.67
C HIS B 204 4.72 17.03 1.71
N GLN B 205 4.23 17.83 0.77
CA GLN B 205 3.23 17.37 -0.18
C GLN B 205 3.81 16.32 -1.13
N ARG B 206 4.97 16.62 -1.71
CA ARG B 206 5.61 15.69 -2.63
C ARG B 206 5.99 14.39 -1.91
N LEU B 207 6.45 14.53 -0.66
CA LEU B 207 6.76 13.37 0.16
C LEU B 207 5.52 12.50 0.34
N ALA B 208 4.39 13.15 0.62
CA ALA B 208 3.13 12.44 0.78
C ALA B 208 2.67 11.82 -0.53
N GLN B 209 2.82 12.56 -1.62
CA GLN B 209 2.45 12.08 -2.94
C GLN B 209 3.23 10.81 -3.31
N LEU B 210 4.53 10.81 -3.02
CA LEU B 210 5.38 9.68 -3.36
C LEU B 210 5.05 8.43 -2.57
N LEU B 211 4.77 8.59 -1.28
CA LEU B 211 4.52 7.46 -0.40
C LEU B 211 3.12 6.88 -0.58
N LEU B 212 2.21 7.67 -1.14
CA LEU B 212 0.85 7.20 -1.40
C LEU B 212 0.81 6.32 -2.64
N ILE B 213 1.80 6.47 -3.51
CA ILE B 213 1.92 5.63 -4.70
C ILE B 213 2.33 4.22 -4.29
N LEU B 214 3.07 4.12 -3.19
CA LEU B 214 3.52 2.84 -2.66
C LEU B 214 2.33 1.94 -2.29
N SER B 215 1.20 2.57 -1.96
CA SER B 215 -0.03 1.83 -1.68
C SER B 215 -0.50 1.10 -2.93
N HIS B 216 -0.44 1.78 -4.08
CA HIS B 216 -0.87 1.19 -5.34
C HIS B 216 0.14 0.18 -5.86
N ILE B 217 1.42 0.42 -5.55
CA ILE B 217 2.46 -0.52 -5.91
C ILE B 217 2.27 -1.81 -5.11
N ARG B 218 1.84 -1.67 -3.86
CA ARG B 218 1.46 -2.82 -3.05
C ARG B 218 0.26 -3.52 -3.67
N HIS B 219 -0.73 -2.74 -4.10
CA HIS B 219 -1.95 -3.27 -4.68
C HIS B 219 -1.67 -4.07 -5.95
N MET B 220 -0.81 -3.52 -6.81
CA MET B 220 -0.44 -4.20 -8.05
C MET B 220 0.30 -5.50 -7.77
N SER B 221 1.17 -5.47 -6.77
CA SER B 221 1.93 -6.65 -6.38
C SER B 221 1.01 -7.75 -5.86
N ASN B 222 0.09 -7.36 -4.99
CA ASN B 222 -0.89 -8.30 -4.44
C ASN B 222 -1.73 -8.93 -5.55
N LYS B 223 -2.13 -8.11 -6.52
CA LYS B 223 -2.91 -8.60 -7.66
C LYS B 223 -2.07 -9.51 -8.55
N GLY B 224 -0.83 -9.14 -8.77
CA GLY B 224 0.08 -9.94 -9.57
C GLY B 224 0.43 -11.24 -8.89
N MET B 225 0.49 -11.20 -7.56
CA MET B 225 0.86 -12.36 -6.77
C MET B 225 -0.16 -13.49 -6.91
N GLU B 226 -1.44 -13.14 -6.82
CA GLU B 226 -2.50 -14.13 -6.91
C GLU B 226 -2.72 -14.61 -8.34
N HIS B 227 -2.25 -13.82 -9.31
CA HIS B 227 -2.28 -14.23 -10.71
C HIS B 227 -1.25 -15.32 -10.95
N LEU B 228 -0.08 -15.16 -10.35
CA LEU B 228 0.99 -16.14 -10.46
C LEU B 228 0.62 -17.43 -9.71
N TYR B 229 -0.10 -17.27 -8.60
CA TYR B 229 -0.56 -18.40 -7.81
C TYR B 229 -1.53 -19.29 -8.59
N SER B 230 -2.40 -18.65 -9.37
CA SER B 230 -3.44 -19.37 -10.09
C SER B 230 -2.88 -20.24 -11.21
N MET B 231 -1.90 -19.72 -11.94
CA MET B 231 -1.34 -20.44 -13.08
C MET B 231 -0.29 -21.46 -12.64
N LYS B 232 0.10 -21.39 -11.36
CA LYS B 232 1.03 -22.37 -10.80
C LYS B 232 0.39 -23.75 -10.80
N CYS B 233 -0.93 -23.76 -10.66
CA CYS B 233 -1.70 -25.01 -10.73
C CYS B 233 -1.89 -25.43 -12.18
N LYS B 234 -1.59 -24.52 -13.10
CA LYS B 234 -1.72 -24.78 -14.53
C LYS B 234 -0.35 -24.92 -15.19
N VAL B 237 2.24 -22.04 -16.58
CA VAL B 237 3.58 -21.93 -17.14
C VAL B 237 4.63 -22.36 -16.10
N PRO B 238 5.78 -22.87 -16.57
CA PRO B 238 6.85 -23.23 -15.64
C PRO B 238 7.46 -21.99 -14.99
N LEU B 239 7.84 -22.10 -13.72
CA LEU B 239 8.42 -20.98 -13.00
C LEU B 239 9.80 -21.33 -12.45
N SER B 240 10.65 -20.32 -12.29
CA SER B 240 11.99 -20.49 -11.75
C SER B 240 11.96 -21.14 -10.37
N ASP B 241 12.97 -21.95 -10.08
CA ASP B 241 13.07 -22.61 -8.78
C ASP B 241 13.25 -21.58 -7.66
N LEU B 242 13.74 -20.40 -8.03
CA LEU B 242 13.85 -19.29 -7.10
C LEU B 242 12.51 -18.56 -6.98
N LEU B 243 11.82 -18.44 -8.11
CA LEU B 243 10.52 -17.78 -8.13
C LEU B 243 9.47 -18.58 -7.36
N LEU B 244 9.55 -19.90 -7.46
CA LEU B 244 8.67 -20.78 -6.69
C LEU B 244 8.97 -20.62 -5.20
N GLU B 245 10.26 -20.50 -4.88
CA GLU B 245 10.71 -20.26 -3.51
C GLU B 245 10.08 -18.98 -2.96
N MET B 246 9.98 -17.97 -3.81
CA MET B 246 9.38 -16.69 -3.43
C MET B 246 7.87 -16.82 -3.26
N LEU B 247 7.22 -17.47 -4.22
CA LEU B 247 5.78 -17.62 -4.20
C LEU B 247 5.29 -18.43 -3.00
N ASP B 248 5.86 -19.62 -2.82
CA ASP B 248 5.50 -20.48 -1.71
C ASP B 248 6.11 -19.96 -0.39
N ALA B 249 5.90 -18.67 -0.14
CA ALA B 249 6.40 -17.99 1.05
C ALA B 249 5.75 -16.62 1.14
N HIS B 250 4.49 -16.54 0.73
CA HIS B 250 3.76 -15.28 0.77
C HIS B 250 2.27 -15.53 0.77
N HIS C 2 -29.37 -0.61 -11.79
CA HIS C 2 -28.19 0.08 -11.26
C HIS C 2 -27.67 -0.62 -10.00
N LYS C 3 -26.82 0.08 -9.26
CA LYS C 3 -26.28 -0.47 -8.03
C LYS C 3 -27.04 0.05 -6.80
N ILE C 4 -27.08 -0.76 -5.75
CA ILE C 4 -27.64 -0.33 -4.47
C ILE C 4 -26.85 0.85 -3.94
N LEU C 5 -25.55 0.84 -4.20
CA LEU C 5 -24.64 1.90 -3.77
C LEU C 5 -25.03 3.25 -4.36
N HIS C 6 -25.63 3.24 -5.55
CA HIS C 6 -26.06 4.46 -6.21
C HIS C 6 -27.06 5.25 -5.37
N ARG C 7 -28.09 4.57 -4.88
CA ARG C 7 -29.15 5.24 -4.13
C ARG C 7 -28.71 5.62 -2.72
N LEU C 8 -27.74 4.88 -2.18
CA LEU C 8 -27.20 5.21 -0.87
C LEU C 8 -26.47 6.53 -0.91
N LEU C 9 -25.86 6.84 -2.06
CA LEU C 9 -25.11 8.07 -2.25
C LEU C 9 -26.02 9.25 -2.58
N GLN C 10 -27.26 8.95 -2.96
CA GLN C 10 -28.21 9.99 -3.33
C GLN C 10 -29.21 10.25 -2.21
N ASP C 11 -29.43 9.24 -1.37
CA ASP C 11 -30.33 9.38 -0.25
C ASP C 11 -29.58 9.80 1.01
N LYS D 3 16.33 -23.79 0.79
CA LYS D 3 15.92 -22.44 0.42
C LYS D 3 17.01 -21.74 -0.38
N ILE D 4 16.80 -21.67 -1.70
CA ILE D 4 17.77 -21.06 -2.61
C ILE D 4 18.00 -19.58 -2.27
N LEU D 5 17.01 -18.95 -1.62
CA LEU D 5 17.15 -17.56 -1.20
C LEU D 5 18.24 -17.41 -0.14
N HIS D 6 18.50 -18.48 0.60
CA HIS D 6 19.62 -18.47 1.55
C HIS D 6 20.94 -18.38 0.80
N ARG D 7 21.01 -18.98 -0.39
CA ARG D 7 22.14 -18.74 -1.26
C ARG D 7 22.06 -17.29 -1.67
N LEU D 8 23.18 -16.70 -2.08
CA LEU D 8 23.29 -15.29 -2.49
C LEU D 8 23.30 -14.35 -1.31
N LEU D 9 22.49 -14.69 -0.30
CA LEU D 9 22.34 -13.84 0.88
C LEU D 9 23.46 -14.07 1.89
N GLN D 10 24.22 -15.16 1.70
CA GLN D 10 25.37 -15.43 2.56
C GLN D 10 26.66 -15.37 1.75
N ASP D 11 26.53 -15.35 0.42
CA ASP D 11 27.68 -15.32 -0.46
C ASP D 11 28.59 -14.13 -0.18
N01 5DH E . -11.47 -7.89 10.40
C02 5DH E . -12.17 -8.06 9.52
C03 5DH E . -13.08 -8.28 8.37
C04 5DH E . -14.30 -7.64 8.27
C05 5DH E . -14.59 -6.40 9.06
C06 5DH E . -15.85 -6.25 9.61
C07 5DH E . -16.17 -5.11 10.34
C08 5DH E . -15.22 -4.11 10.52
O09 5DH E . -15.54 -2.98 11.24
C10 5DH E . -13.96 -4.25 9.96
C11 5DH E . -13.65 -5.38 9.23
C12 5DH E . -15.39 -8.18 7.39
C13 5DH E . -15.92 -9.44 7.62
C14 5DH E . -16.92 -9.94 6.79
C15 5DH E . -17.41 -9.17 5.75
O16 5DH E . -18.41 -9.67 4.94
C17 5DH E . -16.88 -7.91 5.52
C18 5DH E . -15.87 -7.41 6.34
C19 5DH E . -12.60 -9.34 7.41
C20 5DH E . -12.77 -9.24 6.03
C21 5DH E . -12.33 -10.26 5.19
C22 5DH E . -11.69 -11.37 5.73
C23 5DH E . -11.51 -11.46 7.11
C24 5DH E . -11.96 -10.44 7.94
N01 5DH F . 4.54 -6.57 -15.14
C02 5DH F . 4.73 -7.59 -14.65
C03 5DH F . 4.93 -8.91 -13.97
C04 5DH F . 6.20 -9.44 -13.83
C05 5DH F . 7.44 -8.59 -13.89
C06 5DH F . 8.56 -9.08 -14.54
C07 5DH F . 9.73 -8.33 -14.60
C08 5DH F . 9.77 -7.08 -14.03
O09 5DH F . 10.93 -6.33 -14.11
C10 5DH F . 8.66 -6.56 -13.38
C11 5DH F . 7.49 -7.33 -13.30
C12 5DH F . 6.40 -10.91 -13.63
C13 5DH F . 6.00 -11.81 -14.62
C14 5DH F . 6.19 -13.17 -14.44
C15 5DH F . 6.77 -13.66 -13.28
O16 5DH F . 6.95 -15.01 -13.10
C17 5DH F . 7.17 -12.76 -12.29
C18 5DH F . 6.98 -11.39 -12.47
C19 5DH F . 3.68 -9.63 -13.60
C20 5DH F . 3.58 -10.32 -12.40
C21 5DH F . 2.41 -10.98 -12.07
C22 5DH F . 1.32 -10.94 -12.93
C23 5DH F . 1.42 -10.24 -14.12
C24 5DH F . 2.60 -9.59 -14.46
#